data_9OLU
#
_entry.id   9OLU
#
_cell.length_a   67.542
_cell.length_b   67.542
_cell.length_c   238.385
_cell.angle_alpha   90.00
_cell.angle_beta   90.00
_cell.angle_gamma   120.00
#
_symmetry.space_group_name_H-M   'P 32 2 1'
#
loop_
_entity.id
_entity.type
_entity.pdbx_description
1 polymer VP1
2 non-polymer alpha-L-fucopyranose
3 water water
#
_entity_poly.entity_id   1
_entity_poly.type   'polypeptide(L)'
_entity_poly.pdbx_seq_one_letter_code
;EPFSLPNLQTDEMSSSRWPNPLATLFADPNVAVAPQWQNGRCTLEGELLGTTPRNASWLNRFRGVSTAAVANQVLHLTLY
EPDGSVFNPLSGAPAPEGFPDFTAQEYHLRAAGKVANTTGGGEIKSTDYTPALGGVKITAWDATGPSAGVEMTGQIESIG
MENNTDFDVLPDYNGSAFDGSLNLAPPIVPLLPGETLLRFGTVPITTRRQSDPIRIISCALPQEWITWFLTHNFTALGDA
ALLRYRNQATGQLLFECKLYRSGFVVVNGVNVRTEFPMSGVFEFVSWVPNFFQLAPV
;
_entity_poly.pdbx_strand_id   A,B
#
loop_
_chem_comp.id
_chem_comp.type
_chem_comp.name
_chem_comp.formula
FUC L-saccharide, alpha linking alpha-L-fucopyranose 'C6 H12 O5'
#
# COMPACT_ATOMS: atom_id res chain seq x y z
N GLU A 1 -17.76 -11.69 19.22
CA GLU A 1 -16.58 -11.81 18.36
C GLU A 1 -16.36 -13.20 17.74
N PRO A 2 -17.37 -13.79 17.09
CA PRO A 2 -17.12 -15.01 16.32
C PRO A 2 -16.23 -14.73 15.11
N PHE A 3 -15.53 -15.77 14.67
CA PHE A 3 -14.61 -15.60 13.56
C PHE A 3 -15.36 -15.16 12.30
N SER A 4 -14.70 -14.32 11.50
CA SER A 4 -15.22 -13.88 10.22
C SER A 4 -14.05 -13.46 9.34
N LEU A 5 -14.32 -13.28 8.05
CA LEU A 5 -13.38 -12.63 7.14
C LEU A 5 -14.04 -11.39 6.60
N PRO A 6 -13.29 -10.39 6.18
CA PRO A 6 -13.94 -9.18 5.66
C PRO A 6 -14.72 -9.47 4.37
N ASN A 7 -15.74 -8.64 4.11
CA ASN A 7 -16.64 -8.83 2.97
CA ASN A 7 -16.63 -8.85 2.97
C ASN A 7 -16.10 -8.29 1.66
N LEU A 8 -14.81 -8.39 1.40
CA LEU A 8 -14.21 -7.78 0.21
C LEU A 8 -14.04 -8.87 -0.84
N GLN A 9 -14.31 -8.55 -2.09
CA GLN A 9 -13.97 -9.46 -3.17
C GLN A 9 -12.45 -9.58 -3.29
N THR A 10 -11.99 -10.69 -3.86
CA THR A 10 -10.54 -10.86 -4.01
C THR A 10 -9.92 -9.70 -4.76
N ASP A 11 -10.60 -9.20 -5.80
CA ASP A 11 -10.06 -8.09 -6.59
C ASP A 11 -10.16 -6.75 -5.90
N GLU A 12 -10.76 -6.71 -4.70
CA GLU A 12 -10.79 -5.50 -3.89
C GLU A 12 -9.71 -5.51 -2.81
N MET A 13 -8.86 -6.54 -2.81
CA MET A 13 -7.81 -6.68 -1.81
C MET A 13 -6.43 -6.61 -2.44
N SER A 14 -5.41 -6.62 -1.57
CA SER A 14 -4.01 -6.37 -1.90
C SER A 14 -3.13 -7.55 -1.50
N SER A 15 -2.07 -7.73 -2.28
CA SER A 15 -1.03 -8.67 -1.89
C SER A 15 -0.33 -8.22 -0.61
N SER A 16 0.07 -9.25 0.18
CA SER A 16 0.88 -9.03 1.38
C SER A 16 2.34 -9.34 1.11
N ARG A 17 2.71 -9.64 -0.13
CA ARG A 17 4.15 -9.82 -0.43
C ARG A 17 4.66 -8.82 -1.45
N TRP A 18 3.78 -8.11 -2.17
CA TRP A 18 4.26 -7.01 -3.01
C TRP A 18 3.13 -5.99 -3.03
N PRO A 19 3.37 -4.73 -2.75
CA PRO A 19 2.24 -3.80 -2.62
C PRO A 19 1.59 -3.56 -3.97
N ASN A 20 0.43 -4.16 -4.19
CA ASN A 20 -0.29 -4.01 -5.46
C ASN A 20 -1.60 -4.75 -5.33
N PRO A 21 -2.61 -4.44 -6.14
CA PRO A 21 -3.88 -5.17 -6.03
C PRO A 21 -3.74 -6.61 -6.43
N LEU A 22 -4.53 -7.46 -5.77
CA LEU A 22 -4.60 -8.84 -6.25
C LEU A 22 -5.18 -8.91 -7.65
N ALA A 23 -4.59 -9.79 -8.47
CA ALA A 23 -4.99 -9.91 -9.88
C ALA A 23 -5.36 -11.34 -10.28
N THR A 24 -4.80 -12.35 -9.60
CA THR A 24 -5.12 -13.73 -9.93
CA THR A 24 -5.10 -13.73 -9.94
C THR A 24 -5.33 -14.53 -8.66
N LEU A 25 -6.09 -15.62 -8.79
CA LEU A 25 -6.39 -16.52 -7.68
C LEU A 25 -6.29 -17.93 -8.25
N PHE A 26 -5.35 -18.75 -7.75
CA PHE A 26 -5.10 -20.01 -8.45
C PHE A 26 -4.45 -21.02 -7.51
N ALA A 27 -4.56 -22.28 -7.89
CA ALA A 27 -3.88 -23.37 -7.21
C ALA A 27 -3.04 -24.10 -8.23
N ASP A 28 -1.76 -24.30 -7.92
CA ASP A 28 -0.89 -25.05 -8.82
C ASP A 28 -0.37 -26.27 -8.10
N PRO A 29 -0.88 -27.46 -8.43
CA PRO A 29 -0.49 -28.67 -7.70
C PRO A 29 0.86 -29.23 -8.14
N ASN A 30 1.53 -28.63 -9.11
CA ASN A 30 2.76 -29.22 -9.61
C ASN A 30 3.99 -28.44 -9.18
N VAL A 31 3.88 -27.67 -8.10
CA VAL A 31 5.02 -26.96 -7.54
C VAL A 31 5.84 -27.93 -6.71
N ALA A 32 7.12 -28.07 -7.03
CA ALA A 32 7.92 -29.15 -6.47
C ALA A 32 8.33 -28.91 -5.03
N VAL A 33 8.58 -27.66 -4.64
CA VAL A 33 9.06 -27.37 -3.30
CA VAL A 33 9.10 -27.33 -3.33
C VAL A 33 8.16 -26.31 -2.69
N ALA A 34 7.75 -26.56 -1.45
CA ALA A 34 6.82 -25.66 -0.77
C ALA A 34 7.45 -24.28 -0.58
N PRO A 35 6.64 -23.23 -0.62
CA PRO A 35 7.22 -21.91 -0.39
C PRO A 35 7.47 -21.70 1.08
N GLN A 36 8.40 -20.79 1.36
CA GLN A 36 8.78 -20.44 2.71
C GLN A 36 8.80 -18.93 2.84
N TRP A 37 7.75 -18.30 2.32
CA TRP A 37 7.62 -16.85 2.37
C TRP A 37 7.75 -16.31 3.79
N GLN A 38 8.42 -15.16 3.92
CA GLN A 38 8.60 -14.53 5.23
C GLN A 38 7.68 -13.35 5.44
N ASN A 39 7.15 -12.76 4.36
CA ASN A 39 6.09 -11.77 4.49
C ASN A 39 4.74 -12.40 4.19
N GLY A 40 3.66 -11.71 4.61
CA GLY A 40 2.34 -12.25 4.39
C GLY A 40 2.04 -13.43 5.28
N ARG A 41 2.64 -13.49 6.47
CA ARG A 41 2.51 -14.65 7.38
C ARG A 41 1.86 -14.19 8.68
N CYS A 42 0.69 -14.77 9.02
CA CYS A 42 -0.01 -14.35 10.22
C CYS A 42 -0.95 -15.47 10.63
N THR A 43 -1.04 -15.76 11.92
CA THR A 43 -1.99 -16.77 12.35
C THR A 43 -3.39 -16.15 12.47
N LEU A 44 -4.39 -17.03 12.58
CA LEU A 44 -5.76 -16.50 12.65
C LEU A 44 -5.98 -15.74 13.93
N GLU A 45 -5.18 -16.04 14.95
CA GLU A 45 -5.23 -15.30 16.21
C GLU A 45 -4.48 -13.99 16.14
N GLY A 46 -3.94 -13.60 14.98
CA GLY A 46 -3.34 -12.30 14.87
C GLY A 46 -1.90 -12.24 15.32
N GLU A 47 -1.18 -13.35 15.24
CA GLU A 47 0.24 -13.31 15.59
C GLU A 47 1.07 -13.35 14.31
N LEU A 48 1.88 -12.31 14.10
CA LEU A 48 2.67 -12.23 12.89
C LEU A 48 3.88 -13.16 12.94
N LEU A 49 4.24 -13.69 11.77
CA LEU A 49 5.41 -14.55 11.63
C LEU A 49 6.40 -13.94 10.66
N GLY A 50 7.66 -14.36 10.76
CA GLY A 50 8.59 -13.97 9.73
C GLY A 50 8.88 -12.48 9.82
N THR A 51 9.04 -11.86 8.64
CA THR A 51 9.31 -10.42 8.60
C THR A 51 8.04 -9.62 8.32
N THR A 52 6.85 -10.26 8.41
CA THR A 52 5.59 -9.61 8.08
C THR A 52 5.45 -8.34 8.89
N PRO A 53 5.22 -7.19 8.25
CA PRO A 53 5.11 -5.94 9.04
C PRO A 53 3.73 -5.79 9.65
N ARG A 54 3.70 -5.19 10.82
CA ARG A 54 2.43 -4.91 11.48
C ARG A 54 1.66 -3.82 10.74
N ASN A 55 2.37 -2.82 10.27
CA ASN A 55 1.79 -1.77 9.42
C ASN A 55 1.86 -2.22 7.98
N ALA A 56 0.69 -2.34 7.33
CA ALA A 56 0.64 -2.80 5.95
C ALA A 56 1.62 -2.04 5.06
N SER A 57 1.75 -0.72 5.29
CA SER A 57 2.51 0.11 4.38
CA SER A 57 2.51 0.12 4.39
C SER A 57 4.00 0.10 4.67
N TRP A 58 4.47 -0.72 5.61
CA TRP A 58 5.94 -0.87 5.68
CA TRP A 58 5.92 -0.98 5.77
C TRP A 58 6.43 -1.96 4.73
N LEU A 59 5.52 -2.69 4.05
CA LEU A 59 6.00 -3.66 3.04
C LEU A 59 6.79 -2.94 1.94
N ASN A 60 8.00 -3.44 1.67
CA ASN A 60 8.88 -2.88 0.64
C ASN A 60 9.37 -1.49 0.98
N ARG A 61 9.27 -1.07 2.23
CA ARG A 61 9.83 0.18 2.72
CA ARG A 61 9.87 0.18 2.66
C ARG A 61 11.07 -0.12 3.54
N PHE A 62 11.98 0.86 3.65
CA PHE A 62 13.15 0.69 4.48
C PHE A 62 13.53 2.04 5.06
N ARG A 63 14.27 2.00 6.14
CA ARG A 63 14.86 3.22 6.68
C ARG A 63 16.16 2.88 7.34
N GLY A 64 17.04 3.87 7.37
CA GLY A 64 18.32 3.66 8.00
C GLY A 64 19.12 4.95 8.04
N VAL A 65 20.42 4.81 8.23
CA VAL A 65 21.27 5.99 8.35
C VAL A 65 22.51 5.76 7.48
N SER A 66 22.92 6.80 6.74
CA SER A 66 24.10 6.62 5.91
C SER A 66 25.33 6.41 6.77
N THR A 67 26.15 5.45 6.36
CA THR A 67 27.39 5.20 7.10
C THR A 67 28.56 6.02 6.58
N ALA A 68 28.46 6.47 5.33
CA ALA A 68 29.46 7.30 4.68
C ALA A 68 28.74 8.20 3.70
N ALA A 69 29.37 9.30 3.32
CA ALA A 69 28.84 10.15 2.26
C ALA A 69 28.83 9.40 0.94
N VAL A 70 27.85 9.72 0.10
CA VAL A 70 27.75 9.16 -1.24
C VAL A 70 29.06 9.38 -2.00
N ALA A 71 29.53 8.34 -2.67
CA ALA A 71 30.75 8.37 -3.46
C ALA A 71 30.65 7.32 -4.56
N ASN A 72 30.97 7.71 -5.80
CA ASN A 72 30.93 6.78 -6.95
C ASN A 72 29.62 6.05 -7.05
N GLN A 73 28.52 6.76 -6.78
CA GLN A 73 27.16 6.26 -6.91
C GLN A 73 26.86 5.11 -5.95
N VAL A 74 27.58 5.07 -4.83
CA VAL A 74 27.33 4.10 -3.76
C VAL A 74 26.79 4.82 -2.54
N LEU A 75 25.69 4.29 -2.00
CA LEU A 75 25.11 4.73 -0.73
C LEU A 75 25.01 3.52 0.17
N HIS A 76 25.73 3.54 1.30
CA HIS A 76 25.61 2.45 2.27
C HIS A 76 24.75 2.89 3.45
N LEU A 77 23.73 2.10 3.78
CA LEU A 77 22.81 2.39 4.88
C LEU A 77 22.99 1.38 6.01
N THR A 78 23.15 1.85 7.23
CA THR A 78 22.93 1.00 8.40
C THR A 78 21.44 0.96 8.67
N LEU A 79 20.87 -0.24 8.79
CA LEU A 79 19.43 -0.33 8.77
C LEU A 79 18.78 -0.16 10.15
N TYR A 80 17.59 0.46 10.12
CA TYR A 80 16.67 0.54 11.25
C TYR A 80 15.44 -0.31 10.97
N GLU A 81 14.66 -0.55 12.04
CA GLU A 81 13.33 -1.11 11.89
C GLU A 81 12.37 0.01 11.53
N PRO A 82 11.20 -0.35 11.01
CA PRO A 82 10.12 0.63 10.84
C PRO A 82 9.89 1.58 12.01
N ASP A 83 9.95 1.07 13.24
CA ASP A 83 9.67 1.98 14.33
C ASP A 83 10.83 2.90 14.64
N GLY A 84 11.83 2.89 13.75
CA GLY A 84 13.00 3.69 13.92
C GLY A 84 13.99 3.18 14.93
N SER A 85 13.71 2.05 15.60
CA SER A 85 14.74 1.45 16.45
C SER A 85 15.82 0.82 15.58
N VAL A 86 17.00 0.61 16.16
CA VAL A 86 18.11 0.06 15.38
C VAL A 86 17.85 -1.42 15.13
N PHE A 87 18.03 -1.85 13.90
CA PHE A 87 17.91 -3.28 13.59
C PHE A 87 19.15 -3.99 14.09
N ASN A 88 18.99 -4.97 14.99
CA ASN A 88 20.16 -5.55 15.59
C ASN A 88 20.49 -6.82 14.83
N PRO A 89 21.63 -6.87 14.14
CA PRO A 89 21.92 -7.97 13.23
C PRO A 89 22.54 -9.16 13.91
N LEU A 90 22.77 -9.05 15.22
CA LEU A 90 23.23 -10.17 16.02
C LEU A 90 22.06 -10.90 16.67
N SER A 91 20.83 -10.57 16.31
CA SER A 91 19.68 -11.14 16.98
CA SER A 91 19.71 -11.17 17.01
C SER A 91 19.07 -12.33 16.26
N GLY A 92 19.33 -12.50 14.97
CA GLY A 92 18.79 -13.63 14.22
C GLY A 92 17.67 -13.33 13.25
N ALA A 93 17.16 -12.09 13.13
CA ALA A 93 16.17 -11.85 12.11
C ALA A 93 16.83 -11.79 10.73
N PRO A 94 16.12 -12.21 9.68
CA PRO A 94 16.73 -12.17 8.35
C PRO A 94 16.82 -10.77 7.79
N ALA A 95 15.98 -9.86 8.24
CA ALA A 95 15.92 -8.53 7.64
C ALA A 95 14.99 -7.69 8.50
N PRO A 96 15.02 -6.36 8.35
CA PRO A 96 13.97 -5.56 9.00
C PRO A 96 12.61 -5.95 8.45
N GLU A 97 11.57 -5.67 9.25
CA GLU A 97 10.23 -6.06 8.80
C GLU A 97 9.90 -5.39 7.48
N GLY A 98 9.19 -6.13 6.61
CA GLY A 98 8.80 -5.67 5.30
C GLY A 98 9.81 -5.78 4.18
N PHE A 99 11.05 -6.21 4.45
CA PHE A 99 12.01 -6.38 3.35
C PHE A 99 11.61 -7.53 2.44
N PRO A 100 11.91 -7.43 1.14
CA PRO A 100 11.62 -8.53 0.20
C PRO A 100 12.18 -9.86 0.67
N ASP A 101 11.38 -10.90 0.39
CA ASP A 101 11.64 -12.25 0.91
C ASP A 101 11.82 -13.18 -0.26
N PHE A 102 12.44 -12.72 -1.36
CA PHE A 102 12.65 -13.62 -2.49
C PHE A 102 13.93 -13.20 -3.23
N THR A 103 14.36 -14.06 -4.17
CA THR A 103 15.61 -13.88 -4.90
C THR A 103 15.39 -13.06 -6.18
N ALA A 104 16.23 -12.05 -6.42
CA ALA A 104 16.13 -11.23 -7.62
C ALA A 104 17.54 -10.84 -8.03
N GLN A 105 17.72 -10.44 -9.30
CA GLN A 105 19.07 -10.00 -9.66
C GLN A 105 19.37 -8.60 -9.15
N GLU A 106 18.35 -7.75 -9.02
CA GLU A 106 18.51 -6.50 -8.31
C GLU A 106 17.14 -6.03 -7.86
N TYR A 107 17.17 -5.20 -6.82
CA TYR A 107 15.97 -4.60 -6.26
C TYR A 107 16.05 -3.10 -6.50
N HIS A 108 15.14 -2.56 -7.31
CA HIS A 108 15.23 -1.15 -7.67
C HIS A 108 14.50 -0.32 -6.62
N LEU A 109 15.02 0.85 -6.33
CA LEU A 109 14.47 1.64 -5.23
C LEU A 109 14.56 3.14 -5.51
N ARG A 110 13.85 3.86 -4.67
CA ARG A 110 13.95 5.31 -4.55
C ARG A 110 14.05 5.61 -3.07
N ALA A 111 14.76 6.69 -2.73
CA ALA A 111 14.85 7.04 -1.31
C ALA A 111 15.08 8.54 -1.18
N ALA A 112 14.88 9.04 0.04
CA ALA A 112 15.10 10.47 0.30
C ALA A 112 15.34 10.68 1.77
N GLY A 113 16.00 11.79 2.11
CA GLY A 113 16.17 12.19 3.49
C GLY A 113 15.64 13.58 3.72
N LYS A 114 15.99 14.14 4.87
CA LYS A 114 15.44 15.42 5.29
C LYS A 114 15.99 16.60 4.51
N VAL A 115 17.18 16.44 3.96
N VAL A 115 17.14 16.50 3.78
CA VAL A 115 17.95 17.56 3.52
CA VAL A 115 17.61 17.64 2.95
C VAL A 115 17.96 17.51 2.01
C VAL A 115 17.44 17.36 1.44
N ALA A 116 18.19 18.69 1.45
N ALA A 116 17.52 18.44 0.64
CA ALA A 116 18.20 18.80 0.01
CA ALA A 116 16.94 18.47 -0.72
C ALA A 116 19.23 17.85 -0.56
C ALA A 116 17.64 17.53 -1.73
N ASN A 117 18.99 17.54 -1.80
CA ASN A 117 19.90 16.77 -2.65
CA ASN A 117 19.78 16.75 -2.73
C ASN A 117 20.00 15.31 -2.23
N THR A 118 19.04 14.79 -1.48
CA THR A 118 19.09 13.38 -1.09
C THR A 118 18.02 12.52 -1.75
N THR A 119 17.19 13.09 -2.63
CA THR A 119 16.22 12.26 -3.34
C THR A 119 16.93 11.60 -4.53
N GLY A 120 16.85 10.29 -4.59
CA GLY A 120 17.56 9.58 -5.64
C GLY A 120 16.92 8.24 -5.94
N GLY A 121 17.31 7.67 -7.07
CA GLY A 121 17.01 6.28 -7.36
C GLY A 121 18.31 5.48 -7.31
N GLY A 122 18.16 4.18 -7.10
CA GLY A 122 19.31 3.30 -7.08
C GLY A 122 18.83 1.86 -7.08
N GLU A 123 19.70 0.94 -6.73
CA GLU A 123 19.27 -0.45 -6.67
C GLU A 123 20.17 -1.18 -5.67
N ILE A 124 19.69 -2.32 -5.17
CA ILE A 124 20.53 -3.28 -4.43
C ILE A 124 20.73 -4.48 -5.34
N LYS A 125 21.99 -4.70 -5.76
CA LYS A 125 22.29 -5.90 -6.53
C LYS A 125 22.14 -7.12 -5.62
N SER A 126 21.82 -8.27 -6.23
CA SER A 126 21.64 -9.49 -5.45
C SER A 126 22.80 -9.75 -4.50
N THR A 127 24.04 -9.62 -4.97
CA THR A 127 25.18 -9.93 -4.10
C THR A 127 25.25 -8.96 -2.91
N ASP A 128 24.62 -7.79 -3.01
CA ASP A 128 24.57 -6.82 -1.93
C ASP A 128 23.30 -6.95 -1.10
N TYR A 129 22.37 -7.83 -1.48
CA TYR A 129 21.12 -7.95 -0.72
C TYR A 129 21.35 -8.91 0.46
N THR A 130 22.00 -8.37 1.49
CA THR A 130 22.37 -9.12 2.69
C THR A 130 21.89 -8.34 3.93
N PRO A 131 20.59 -8.09 4.04
CA PRO A 131 20.12 -7.21 5.12
C PRO A 131 20.26 -7.82 6.49
N ALA A 132 20.43 -9.15 6.60
CA ALA A 132 20.62 -9.73 7.94
C ALA A 132 21.88 -9.22 8.59
N LEU A 133 22.85 -8.75 7.79
CA LEU A 133 24.07 -8.21 8.32
C LEU A 133 23.90 -6.82 8.94
N GLY A 134 22.75 -6.19 8.73
CA GLY A 134 22.44 -4.94 9.39
C GLY A 134 22.58 -3.74 8.49
N GLY A 135 22.96 -3.94 7.23
CA GLY A 135 23.08 -2.81 6.34
C GLY A 135 22.86 -3.25 4.92
N VAL A 136 22.76 -2.28 4.01
CA VAL A 136 22.69 -2.61 2.59
C VAL A 136 23.48 -1.57 1.81
N LYS A 137 24.23 -2.07 0.82
CA LYS A 137 24.97 -1.25 -0.11
C LYS A 137 24.07 -1.01 -1.33
N ILE A 138 23.67 0.25 -1.52
CA ILE A 138 22.87 0.68 -2.67
C ILE A 138 23.84 1.18 -3.73
N THR A 139 23.68 0.68 -4.95
CA THR A 139 24.56 1.06 -6.06
C THR A 139 23.71 1.73 -7.13
N ALA A 140 24.38 2.30 -8.14
CA ALA A 140 23.74 3.12 -9.17
C ALA A 140 22.94 4.25 -8.51
N TRP A 141 23.38 4.71 -7.34
CA TRP A 141 22.68 5.78 -6.62
C TRP A 141 22.95 7.13 -7.31
N ASP A 142 21.88 7.87 -7.65
CA ASP A 142 22.05 8.99 -8.59
C ASP A 142 21.87 10.37 -7.97
N ALA A 143 21.82 10.49 -6.66
CA ALA A 143 21.76 11.78 -5.99
C ALA A 143 23.15 12.13 -5.46
N THR A 144 23.37 13.43 -5.26
CA THR A 144 24.68 13.88 -4.83
C THR A 144 24.89 13.66 -3.34
N GLY A 145 23.83 13.78 -2.55
CA GLY A 145 23.88 13.37 -1.16
C GLY A 145 23.18 12.05 -0.91
N PRO A 146 23.12 11.61 0.36
CA PRO A 146 23.48 12.31 1.59
C PRO A 146 24.97 12.28 1.92
N SER A 147 25.38 13.11 2.85
CA SER A 147 26.64 12.92 3.54
C SER A 147 26.50 11.81 4.61
N ALA A 148 27.54 11.61 5.43
CA ALA A 148 27.51 10.53 6.40
C ALA A 148 26.63 10.90 7.60
N GLY A 149 25.98 9.87 8.13
CA GLY A 149 25.27 10.00 9.40
C GLY A 149 23.87 10.53 9.26
N VAL A 150 23.30 10.46 8.06
CA VAL A 150 22.05 11.08 7.69
C VAL A 150 20.98 10.00 7.59
N GLU A 151 19.81 10.27 8.20
CA GLU A 151 18.65 9.36 8.02
C GLU A 151 18.11 9.36 6.60
N MET A 152 17.80 8.17 6.08
CA MET A 152 17.20 7.97 4.76
C MET A 152 16.01 7.03 4.87
N THR A 153 14.96 7.31 4.10
CA THR A 153 13.81 6.42 4.02
C THR A 153 13.54 6.15 2.55
N GLY A 154 13.11 4.94 2.24
CA GLY A 154 12.86 4.68 0.82
C GLY A 154 11.94 3.50 0.59
N GLN A 155 11.82 3.18 -0.69
CA GLN A 155 10.84 2.19 -1.14
CA GLN A 155 10.86 2.15 -1.12
C GLN A 155 11.45 1.35 -2.25
N ILE A 156 11.21 0.04 -2.19
CA ILE A 156 11.61 -0.85 -3.29
C ILE A 156 10.42 -0.91 -4.25
N GLU A 157 10.69 -0.58 -5.52
CA GLU A 157 9.62 -0.28 -6.47
CA GLU A 157 9.66 -0.25 -6.51
C GLU A 157 9.46 -1.32 -7.55
N SER A 158 10.50 -2.10 -7.81
CA SER A 158 10.48 -3.04 -8.92
C SER A 158 11.73 -3.89 -8.74
N ILE A 159 11.85 -4.95 -9.55
CA ILE A 159 12.96 -5.89 -9.44
CA ILE A 159 12.98 -5.86 -9.43
C ILE A 159 13.45 -6.26 -10.82
N GLY A 160 14.72 -6.66 -10.88
CA GLY A 160 15.25 -7.33 -12.07
C GLY A 160 15.04 -8.81 -11.81
N MET A 161 14.33 -9.54 -12.68
CA MET A 161 13.81 -10.83 -12.23
C MET A 161 13.78 -11.76 -13.44
N GLU A 162 14.90 -12.48 -13.65
CA GLU A 162 15.05 -13.35 -14.80
C GLU A 162 14.12 -14.58 -14.77
N ASN A 163 13.80 -15.09 -13.58
CA ASN A 163 12.95 -16.27 -13.45
C ASN A 163 11.81 -16.00 -12.50
N ASN A 164 10.58 -16.25 -12.98
CA ASN A 164 9.41 -16.18 -12.09
C ASN A 164 9.52 -17.16 -10.93
N THR A 165 10.20 -18.28 -11.10
CA THR A 165 10.25 -19.22 -9.99
C THR A 165 11.03 -18.66 -8.79
N ASP A 166 11.89 -17.65 -9.01
CA ASP A 166 12.65 -17.10 -7.89
C ASP A 166 11.81 -16.32 -6.90
N PHE A 167 10.55 -16.01 -7.23
CA PHE A 167 9.68 -15.43 -6.20
C PHE A 167 9.46 -16.38 -5.04
N ASP A 168 9.68 -17.70 -5.25
CA ASP A 168 9.52 -18.68 -4.19
C ASP A 168 10.84 -19.19 -3.65
N VAL A 169 11.95 -18.51 -3.96
CA VAL A 169 13.28 -18.89 -3.47
C VAL A 169 13.75 -17.82 -2.48
N LEU A 170 13.94 -18.21 -1.21
CA LEU A 170 14.41 -17.23 -0.24
C LEU A 170 15.78 -16.71 -0.64
N PRO A 171 16.04 -15.42 -0.42
CA PRO A 171 17.35 -14.85 -0.73
C PRO A 171 18.35 -15.24 0.35
N ASP A 172 19.63 -15.03 0.02
CA ASP A 172 20.72 -15.32 0.95
C ASP A 172 20.89 -14.10 1.87
N TYR A 173 19.98 -14.01 2.84
CA TYR A 173 19.85 -12.81 3.66
C TYR A 173 21.13 -12.41 4.37
N ASN A 174 21.96 -13.39 4.76
CA ASN A 174 23.19 -13.08 5.48
C ASN A 174 24.45 -13.29 4.64
N GLY A 175 24.27 -13.52 3.34
CA GLY A 175 25.37 -13.62 2.40
C GLY A 175 26.20 -14.85 2.56
N SER A 176 25.69 -15.86 3.26
CA SER A 176 26.55 -16.94 3.72
C SER A 176 26.20 -18.26 3.07
N ALA A 177 25.59 -18.22 1.90
CA ALA A 177 25.08 -19.43 1.26
C ALA A 177 24.18 -20.18 2.23
N PHE A 178 23.28 -19.43 2.87
CA PHE A 178 22.14 -19.97 3.61
C PHE A 178 22.56 -20.68 4.89
N ASP A 179 22.17 -20.10 6.03
CA ASP A 179 22.55 -20.58 7.35
C ASP A 179 21.33 -20.87 8.19
N GLY A 180 21.49 -21.81 9.11
CA GLY A 180 20.49 -22.10 10.10
C GLY A 180 20.70 -21.25 11.34
N SER A 181 21.39 -20.13 11.19
CA SER A 181 21.41 -19.16 12.27
C SER A 181 20.23 -18.19 12.18
N LEU A 182 19.49 -18.15 11.07
CA LEU A 182 18.39 -17.20 10.99
C LEU A 182 17.08 -17.80 11.47
N ASN A 183 16.25 -16.93 12.08
CA ASN A 183 14.88 -17.23 12.52
CA ASN A 183 14.89 -17.29 12.47
C ASN A 183 13.99 -17.08 11.28
N LEU A 184 13.61 -18.18 10.63
CA LEU A 184 12.73 -18.14 9.46
C LEU A 184 11.40 -18.80 9.80
N ALA A 185 10.28 -18.17 9.40
CA ALA A 185 8.97 -18.82 9.48
C ALA A 185 8.99 -20.10 8.64
N PRO A 186 8.24 -21.14 9.02
CA PRO A 186 8.41 -22.44 8.35
C PRO A 186 7.75 -22.52 6.99
N PRO A 187 8.11 -23.52 6.19
CA PRO A 187 7.47 -23.70 4.89
C PRO A 187 5.97 -23.89 5.02
N ILE A 188 5.26 -23.48 3.98
CA ILE A 188 3.79 -23.55 3.94
C ILE A 188 3.43 -24.86 3.25
N VAL A 189 2.88 -25.82 4.01
CA VAL A 189 2.62 -27.16 3.49
C VAL A 189 1.19 -27.57 3.86
N PRO A 190 0.33 -27.93 2.90
CA PRO A 190 -1.00 -28.44 3.30
C PRO A 190 -0.88 -29.68 4.17
N LEU A 191 -1.81 -29.81 5.13
CA LEU A 191 -1.67 -30.87 6.11
C LEU A 191 -2.25 -32.21 5.62
N LEU A 192 -3.03 -32.19 4.52
CA LEU A 192 -3.48 -33.42 3.87
C LEU A 192 -2.88 -33.54 2.46
N PRO A 193 -2.54 -34.77 2.01
CA PRO A 193 -1.78 -34.89 0.75
C PRO A 193 -2.55 -34.55 -0.52
N GLY A 194 -3.85 -34.70 -0.54
CA GLY A 194 -4.53 -34.25 -1.75
C GLY A 194 -4.79 -32.77 -1.85
N GLU A 195 -4.36 -31.99 -0.86
CA GLU A 195 -4.62 -30.55 -0.85
C GLU A 195 -3.53 -29.78 -1.56
N THR A 196 -3.92 -28.62 -2.12
CA THR A 196 -3.03 -27.69 -2.80
C THR A 196 -3.20 -26.29 -2.22
N LEU A 197 -2.08 -25.61 -1.99
CA LEU A 197 -2.09 -24.22 -1.57
C LEU A 197 -2.83 -23.33 -2.55
N LEU A 198 -3.76 -22.52 -2.06
CA LEU A 198 -4.42 -21.53 -2.88
C LEU A 198 -3.63 -20.24 -2.82
N ARG A 199 -3.20 -19.76 -3.98
CA ARG A 199 -2.26 -18.63 -4.06
C ARG A 199 -3.00 -17.37 -4.49
N PHE A 200 -2.76 -16.29 -3.77
CA PHE A 200 -3.31 -14.96 -4.09
C PHE A 200 -2.21 -14.24 -4.86
N GLY A 201 -2.44 -13.93 -6.13
CA GLY A 201 -1.36 -13.46 -7.00
C GLY A 201 -1.48 -11.99 -7.34
N THR A 202 -0.33 -11.33 -7.61
CA THR A 202 -0.31 -9.96 -8.11
C THR A 202 0.84 -9.83 -9.08
N VAL A 203 0.91 -8.70 -9.79
CA VAL A 203 1.92 -8.52 -10.84
C VAL A 203 2.84 -7.39 -10.38
N PRO A 204 4.10 -7.67 -10.02
CA PRO A 204 5.06 -6.61 -9.73
C PRO A 204 5.67 -6.14 -11.03
N ILE A 205 6.16 -4.89 -11.02
CA ILE A 205 6.94 -4.41 -12.19
C ILE A 205 8.32 -5.04 -12.16
N THR A 206 8.75 -5.70 -13.25
CA THR A 206 10.08 -6.28 -13.27
C THR A 206 10.75 -6.05 -14.62
N THR A 207 12.06 -5.95 -14.59
CA THR A 207 12.88 -5.94 -15.80
C THR A 207 13.42 -7.35 -16.00
N ARG A 208 14.22 -7.52 -17.07
CA ARG A 208 14.81 -8.83 -17.42
C ARG A 208 13.75 -9.84 -17.86
N ARG A 209 12.69 -9.35 -18.50
CA ARG A 209 11.58 -10.19 -18.92
C ARG A 209 11.66 -10.59 -20.38
N GLN A 210 12.80 -10.37 -21.03
CA GLN A 210 12.81 -10.27 -22.49
C GLN A 210 12.21 -11.51 -23.17
N SER A 211 12.39 -12.68 -22.58
CA SER A 211 11.98 -13.91 -23.26
C SER A 211 10.81 -14.60 -22.56
N ASP A 212 10.30 -14.01 -21.52
CA ASP A 212 9.27 -14.62 -20.71
C ASP A 212 8.58 -13.52 -19.91
N PRO A 213 7.64 -12.78 -20.49
CA PRO A 213 7.20 -11.50 -19.86
C PRO A 213 6.24 -11.63 -18.70
N ILE A 214 5.66 -12.80 -18.41
CA ILE A 214 4.66 -12.88 -17.34
C ILE A 214 5.33 -13.05 -15.98
N ARG A 215 5.03 -12.14 -15.06
CA ARG A 215 5.58 -12.17 -13.73
C ARG A 215 4.43 -12.13 -12.74
N ILE A 216 4.43 -13.08 -11.82
CA ILE A 216 3.37 -13.22 -10.82
C ILE A 216 4.01 -13.60 -9.49
N ILE A 217 3.78 -12.80 -8.44
CA ILE A 217 4.23 -13.10 -7.09
C ILE A 217 3.00 -13.44 -6.26
N SER A 218 3.05 -14.56 -5.53
CA SER A 218 1.90 -15.05 -4.78
C SER A 218 2.04 -14.79 -3.30
N CYS A 219 0.92 -14.82 -2.56
CA CYS A 219 1.00 -14.69 -1.11
C CYS A 219 -0.07 -15.59 -0.49
N ALA A 220 0.09 -15.86 0.80
CA ALA A 220 -0.81 -16.82 1.47
C ALA A 220 -2.09 -16.18 1.95
N LEU A 221 -2.05 -14.88 2.23
CA LEU A 221 -3.19 -14.15 2.78
C LEU A 221 -3.24 -12.78 2.14
N PRO A 222 -4.41 -12.31 1.72
CA PRO A 222 -4.52 -10.87 1.39
C PRO A 222 -4.06 -10.02 2.55
N GLN A 223 -3.45 -8.84 2.26
CA GLN A 223 -3.10 -7.96 3.37
C GLN A 223 -4.29 -7.60 4.23
N GLU A 224 -5.46 -7.41 3.61
CA GLU A 224 -6.64 -7.04 4.38
C GLU A 224 -7.09 -8.11 5.37
N TRP A 225 -6.79 -9.41 5.10
CA TRP A 225 -7.06 -10.45 6.07
C TRP A 225 -6.08 -10.40 7.24
N ILE A 226 -4.80 -10.12 6.97
CA ILE A 226 -3.82 -9.97 8.05
C ILE A 226 -4.26 -8.86 8.99
N THR A 227 -4.65 -7.71 8.42
CA THR A 227 -5.07 -6.62 9.29
C THR A 227 -6.33 -6.99 10.04
N TRP A 228 -7.28 -7.68 9.37
CA TRP A 228 -8.47 -8.22 10.05
C TRP A 228 -8.09 -9.06 11.27
N PHE A 229 -7.11 -9.96 11.13
CA PHE A 229 -6.77 -10.75 12.27
C PHE A 229 -6.11 -9.92 13.37
N LEU A 230 -5.34 -8.90 13.00
CA LEU A 230 -4.72 -8.05 14.00
C LEU A 230 -5.73 -7.17 14.76
N THR A 231 -6.89 -6.87 14.16
CA THR A 231 -7.86 -5.96 14.74
C THR A 231 -9.05 -6.67 15.35
N HIS A 232 -9.04 -8.00 15.39
CA HIS A 232 -10.07 -8.78 16.04
C HIS A 232 -9.44 -9.68 17.09
N ASN A 233 -10.24 -10.08 18.07
CA ASN A 233 -9.78 -10.99 19.11
C ASN A 233 -10.32 -12.38 18.76
N PHE A 234 -9.63 -13.06 17.85
CA PHE A 234 -10.16 -14.33 17.40
C PHE A 234 -9.51 -15.45 18.19
N THR A 235 -10.33 -16.41 18.58
CA THR A 235 -9.86 -17.68 19.12
C THR A 235 -10.19 -18.79 18.13
N ALA A 236 -9.14 -19.44 17.60
CA ALA A 236 -9.33 -20.58 16.72
C ALA A 236 -10.06 -21.70 17.46
N LEU A 237 -11.34 -21.88 17.19
CA LEU A 237 -12.07 -22.94 17.88
C LEU A 237 -11.86 -24.29 17.20
N GLY A 238 -11.03 -24.32 16.15
CA GLY A 238 -10.73 -25.53 15.40
C GLY A 238 -9.41 -25.37 14.69
N ASP A 239 -9.00 -26.48 14.08
CA ASP A 239 -7.75 -26.51 13.36
C ASP A 239 -7.81 -25.60 12.13
N ALA A 240 -8.97 -25.48 11.52
CA ALA A 240 -9.08 -24.80 10.24
C ALA A 240 -10.47 -24.21 10.11
N ALA A 241 -10.54 -23.09 9.45
CA ALA A 241 -11.82 -22.49 9.15
C ALA A 241 -12.26 -22.96 7.76
N LEU A 242 -13.41 -23.64 7.70
CA LEU A 242 -14.00 -24.01 6.42
C LEU A 242 -14.63 -22.77 5.81
N LEU A 243 -14.24 -22.44 4.57
CA LEU A 243 -14.73 -21.26 3.87
C LEU A 243 -15.40 -21.67 2.59
N ARG A 244 -16.37 -20.88 2.14
CA ARG A 244 -16.91 -21.02 0.80
CA ARG A 244 -16.93 -21.01 0.81
C ARG A 244 -16.58 -19.77 0.01
N TYR A 245 -16.18 -19.97 -1.25
CA TYR A 245 -15.88 -18.86 -2.15
C TYR A 245 -17.10 -18.67 -3.05
N ARG A 246 -17.77 -17.54 -2.93
CA ARG A 246 -19.06 -17.33 -3.56
C ARG A 246 -18.99 -16.10 -4.42
N ASN A 247 -19.45 -16.19 -5.66
CA ASN A 247 -19.85 -14.97 -6.36
C ASN A 247 -21.13 -14.46 -5.73
N GLN A 248 -21.04 -13.36 -4.97
CA GLN A 248 -22.19 -12.85 -4.21
C GLN A 248 -23.23 -12.22 -5.12
N ALA A 249 -22.81 -11.75 -6.30
CA ALA A 249 -23.71 -11.13 -7.26
C ALA A 249 -24.62 -12.17 -7.92
N THR A 250 -24.01 -13.24 -8.44
CA THR A 250 -24.69 -14.31 -9.13
C THR A 250 -25.11 -15.43 -8.20
N GLY A 251 -24.69 -15.36 -6.93
CA GLY A 251 -24.97 -16.38 -5.95
C GLY A 251 -24.18 -17.63 -6.11
N GLN A 252 -23.39 -17.77 -7.18
CA GLN A 252 -22.79 -19.07 -7.50
C GLN A 252 -21.67 -19.40 -6.52
N LEU A 253 -21.77 -20.57 -5.90
CA LEU A 253 -20.68 -21.11 -5.08
C LEU A 253 -19.65 -21.75 -6.00
N LEU A 254 -18.41 -21.30 -5.88
CA LEU A 254 -17.34 -21.72 -6.76
C LEU A 254 -16.58 -22.89 -6.19
N PHE A 255 -16.30 -22.86 -4.87
CA PHE A 255 -15.62 -23.97 -4.20
C PHE A 255 -15.65 -23.75 -2.69
N GLU A 256 -15.34 -24.81 -1.94
CA GLU A 256 -15.07 -24.71 -0.51
C GLU A 256 -13.58 -24.93 -0.30
N CYS A 257 -13.07 -24.37 0.79
CA CYS A 257 -11.62 -24.39 1.05
C CYS A 257 -11.38 -24.35 2.56
N LYS A 258 -10.14 -24.68 2.97
CA LYS A 258 -9.75 -24.69 4.38
C LYS A 258 -8.72 -23.62 4.62
N LEU A 259 -9.01 -22.73 5.58
CA LEU A 259 -8.05 -21.74 6.04
C LEU A 259 -7.42 -22.29 7.31
N TYR A 260 -6.19 -22.79 7.19
CA TYR A 260 -5.52 -23.39 8.33
C TYR A 260 -5.16 -22.31 9.34
N ARG A 261 -5.12 -22.71 10.63
CA ARG A 261 -4.95 -21.66 11.65
C ARG A 261 -3.58 -20.99 11.62
N SER A 262 -2.57 -21.63 11.05
CA SER A 262 -1.28 -20.97 10.91
C SER A 262 -1.22 -19.97 9.76
N GLY A 263 -2.31 -19.82 9.00
CA GLY A 263 -2.49 -18.67 8.10
C GLY A 263 -2.26 -18.97 6.61
N PHE A 264 -2.91 -19.99 6.02
CA PHE A 264 -2.92 -20.13 4.57
C PHE A 264 -4.14 -20.97 4.17
N VAL A 265 -4.49 -20.92 2.89
CA VAL A 265 -5.73 -21.55 2.39
C VAL A 265 -5.36 -22.69 1.48
N VAL A 266 -6.16 -23.78 1.50
CA VAL A 266 -5.99 -24.90 0.57
C VAL A 266 -7.31 -25.29 -0.06
N VAL A 267 -7.22 -25.91 -1.23
CA VAL A 267 -8.36 -26.50 -1.93
C VAL A 267 -8.00 -27.96 -2.20
N ASN A 268 -9.02 -28.77 -2.50
CA ASN A 268 -8.86 -30.21 -2.69
C ASN A 268 -9.19 -30.59 -4.13
N GLY A 269 -8.57 -31.66 -4.62
CA GLY A 269 -8.92 -32.22 -5.92
C GLY A 269 -8.44 -31.44 -7.14
N VAL A 270 -7.37 -30.68 -7.00
CA VAL A 270 -6.78 -29.91 -8.10
C VAL A 270 -5.70 -30.76 -8.73
N ASN A 271 -5.89 -31.12 -10.00
CA ASN A 271 -4.96 -32.00 -10.71
C ASN A 271 -4.09 -31.26 -11.72
N VAL A 272 -4.49 -30.07 -12.14
CA VAL A 272 -3.72 -29.21 -13.02
C VAL A 272 -3.86 -27.81 -12.48
N ARG A 273 -2.91 -26.94 -12.84
CA ARG A 273 -3.01 -25.54 -12.44
C ARG A 273 -4.38 -25.00 -12.83
N THR A 274 -5.05 -24.36 -11.88
CA THR A 274 -6.45 -23.99 -12.04
C THR A 274 -6.61 -22.56 -11.53
N GLU A 275 -7.15 -21.67 -12.38
CA GLU A 275 -7.41 -20.29 -12.01
C GLU A 275 -8.88 -20.17 -11.61
N PHE A 276 -9.16 -19.17 -10.77
CA PHE A 276 -10.51 -18.92 -10.28
C PHE A 276 -10.92 -17.47 -10.50
N PRO A 277 -12.21 -17.20 -10.64
CA PRO A 277 -12.68 -15.83 -10.77
C PRO A 277 -12.28 -15.00 -9.57
N MET A 278 -12.10 -13.70 -9.82
CA MET A 278 -11.63 -12.74 -8.82
C MET A 278 -12.75 -11.97 -8.15
N SER A 279 -13.98 -12.07 -8.65
CA SER A 279 -15.10 -11.30 -8.11
C SER A 279 -15.85 -12.01 -7.00
N GLY A 280 -15.24 -13.01 -6.38
CA GLY A 280 -15.90 -13.75 -5.32
C GLY A 280 -15.46 -13.24 -3.96
N VAL A 281 -16.21 -13.67 -2.96
CA VAL A 281 -15.94 -13.33 -1.56
C VAL A 281 -15.80 -14.63 -0.79
N PHE A 282 -14.75 -14.74 0.02
CA PHE A 282 -14.60 -15.88 0.92
C PHE A 282 -15.44 -15.66 2.16
N GLU A 283 -16.36 -16.61 2.46
CA GLU A 283 -17.23 -16.52 3.61
C GLU A 283 -16.95 -17.67 4.57
N PHE A 284 -16.78 -17.35 5.85
CA PHE A 284 -16.66 -18.38 6.89
C PHE A 284 -17.92 -19.24 6.98
N VAL A 285 -17.72 -20.57 7.04
CA VAL A 285 -18.80 -21.53 7.26
C VAL A 285 -18.77 -22.07 8.68
N SER A 286 -17.67 -22.73 9.05
CA SER A 286 -17.59 -23.37 10.36
C SER A 286 -16.17 -23.81 10.59
N TRP A 287 -15.89 -24.25 11.81
CA TRP A 287 -14.58 -24.80 12.17
C TRP A 287 -14.54 -26.30 11.92
N VAL A 288 -13.44 -26.76 11.34
CA VAL A 288 -13.27 -28.19 11.03
C VAL A 288 -11.90 -28.65 11.50
N PRO A 289 -11.74 -29.97 11.73
CA PRO A 289 -10.41 -30.50 12.04
C PRO A 289 -9.51 -30.55 10.81
N ASN A 290 -8.22 -30.72 11.06
CA ASN A 290 -7.24 -30.87 9.97
C ASN A 290 -7.60 -32.01 9.04
N PHE A 291 -8.13 -33.09 9.56
CA PHE A 291 -8.39 -34.22 8.68
C PHE A 291 -9.65 -34.05 7.84
N PHE A 292 -10.39 -32.92 7.97
CA PHE A 292 -11.61 -32.79 7.20
C PHE A 292 -11.25 -32.72 5.73
N GLN A 293 -11.91 -33.53 4.91
CA GLN A 293 -11.68 -33.55 3.49
C GLN A 293 -12.73 -32.72 2.76
N LEU A 294 -12.24 -31.74 1.98
CA LEU A 294 -13.05 -30.80 1.23
C LEU A 294 -13.67 -31.46 0.01
N ALA A 295 -14.83 -30.95 -0.38
CA ALA A 295 -15.37 -31.30 -1.68
C ALA A 295 -14.37 -30.85 -2.75
N PRO A 296 -14.05 -31.68 -3.73
CA PRO A 296 -13.07 -31.27 -4.74
C PRO A 296 -13.59 -30.06 -5.52
N VAL A 297 -12.66 -29.22 -5.97
CA VAL A 297 -13.07 -28.05 -6.77
C VAL A 297 -13.83 -28.53 -8.02
N GLU B 1 -21.61 -4.18 14.32
CA GLU B 1 -22.67 -3.24 13.96
C GLU B 1 -22.70 -1.94 14.82
N PRO B 2 -22.39 -2.01 16.13
CA PRO B 2 -22.10 -0.78 16.88
C PRO B 2 -20.80 -0.14 16.41
N PHE B 3 -20.82 1.19 16.29
CA PHE B 3 -19.68 1.87 15.68
C PHE B 3 -18.41 1.60 16.47
N SER B 4 -17.31 1.40 15.73
CA SER B 4 -15.99 1.25 16.33
C SER B 4 -14.95 1.71 15.33
N LEU B 5 -13.72 1.87 15.82
CA LEU B 5 -12.55 2.06 14.99
C LEU B 5 -11.56 0.92 15.24
N PRO B 6 -10.69 0.60 14.27
CA PRO B 6 -9.74 -0.51 14.48
C PRO B 6 -8.73 -0.17 15.57
N ASN B 7 -8.28 -1.19 16.30
CA ASN B 7 -7.38 -0.98 17.43
CA ASN B 7 -7.38 -0.94 17.44
C ASN B 7 -5.92 -0.94 16.98
N LEU B 8 -5.59 -0.02 16.09
CA LEU B 8 -4.24 0.15 15.57
C LEU B 8 -3.75 1.50 16.06
N GLN B 9 -2.48 1.58 16.44
CA GLN B 9 -1.85 2.87 16.70
C GLN B 9 -1.73 3.68 15.40
N THR B 10 -1.64 5.02 15.53
CA THR B 10 -1.52 5.84 14.31
C THR B 10 -0.30 5.45 13.48
N ASP B 11 0.81 5.10 14.16
CA ASP B 11 2.00 4.72 13.42
C ASP B 11 1.96 3.29 12.88
N GLU B 12 0.89 2.55 13.15
CA GLU B 12 0.64 1.25 12.54
C GLU B 12 -0.34 1.37 11.38
N MET B 13 -0.72 2.59 11.00
CA MET B 13 -1.64 2.80 9.87
C MET B 13 -0.97 3.55 8.72
N SER B 14 -1.72 3.67 7.61
CA SER B 14 -1.23 4.14 6.32
C SER B 14 -1.98 5.38 5.86
N SER B 15 -1.30 6.21 5.10
CA SER B 15 -1.97 7.32 4.46
C SER B 15 -2.93 6.82 3.38
N SER B 16 -4.04 7.56 3.24
CA SER B 16 -4.98 7.29 2.15
C SER B 16 -4.82 8.28 1.01
N ARG B 17 -3.79 9.15 1.05
CA ARG B 17 -3.51 10.02 -0.09
C ARG B 17 -2.13 9.82 -0.68
N TRP B 18 -1.27 9.06 -0.03
CA TRP B 18 0.01 8.66 -0.65
C TRP B 18 0.36 7.32 -0.02
N PRO B 19 0.70 6.30 -0.77
CA PRO B 19 0.92 4.99 -0.16
C PRO B 19 2.21 5.01 0.64
N ASN B 20 2.07 5.11 1.95
CA ASN B 20 3.26 5.15 2.84
C ASN B 20 2.75 5.15 4.27
N PRO B 21 3.53 4.74 5.24
CA PRO B 21 3.06 4.73 6.62
CA PRO B 21 3.05 4.74 6.62
C PRO B 21 2.86 6.14 7.16
N LEU B 22 1.89 6.26 8.04
CA LEU B 22 1.70 7.55 8.69
C LEU B 22 2.92 7.87 9.55
N ALA B 23 3.35 9.12 9.47
CA ALA B 23 4.53 9.59 10.23
C ALA B 23 4.25 10.74 11.17
N THR B 24 3.21 11.52 10.94
CA THR B 24 2.89 12.65 11.82
CA THR B 24 2.90 12.64 11.82
C THR B 24 1.39 12.75 12.00
N LEU B 25 1.00 13.35 13.11
CA LEU B 25 -0.39 13.57 13.46
C LEU B 25 -0.40 14.98 13.96
N PHE B 26 -1.09 15.90 13.27
CA PHE B 26 -0.96 17.30 13.69
C PHE B 26 -2.20 18.10 13.31
N ALA B 27 -2.34 19.25 13.96
CA ALA B 27 -3.37 20.22 13.60
C ALA B 27 -2.69 21.57 13.31
N ASP B 28 -3.04 22.18 12.20
CA ASP B 28 -2.49 23.48 11.81
C ASP B 28 -3.64 24.47 11.62
N PRO B 29 -3.83 25.41 12.52
CA PRO B 29 -4.96 26.34 12.38
C PRO B 29 -4.72 27.48 11.40
N ASN B 30 -3.52 27.62 10.86
CA ASN B 30 -3.17 28.75 10.01
C ASN B 30 -2.97 28.36 8.55
N VAL B 31 -3.56 27.25 8.10
CA VAL B 31 -3.47 26.92 6.69
C VAL B 31 -4.38 27.87 5.93
N ALA B 32 -3.87 28.37 4.81
CA ALA B 32 -4.52 29.45 4.08
C ALA B 32 -5.93 29.07 3.63
N VAL B 33 -6.09 27.91 3.03
CA VAL B 33 -7.36 27.55 2.41
C VAL B 33 -7.72 26.13 2.86
N ALA B 34 -9.02 25.85 2.87
CA ALA B 34 -9.50 24.54 3.27
C ALA B 34 -9.13 23.50 2.21
N PRO B 35 -8.79 22.30 2.60
CA PRO B 35 -8.43 21.29 1.58
C PRO B 35 -9.70 20.74 0.94
N GLN B 36 -9.55 20.29 -0.31
CA GLN B 36 -10.64 19.65 -1.06
C GLN B 36 -10.14 18.34 -1.64
N TRP B 37 -9.48 17.55 -0.80
CA TRP B 37 -8.88 16.30 -1.25
C TRP B 37 -9.91 15.38 -1.88
N GLN B 38 -9.52 14.68 -2.95
CA GLN B 38 -10.43 13.76 -3.61
C GLN B 38 -10.17 12.31 -3.27
N ASN B 39 -8.97 12.00 -2.76
CA ASN B 39 -8.68 10.66 -2.24
C ASN B 39 -8.75 10.71 -0.72
N GLY B 40 -8.87 9.52 -0.11
CA GLY B 40 -8.97 9.50 1.35
C GLY B 40 -10.29 10.00 1.92
N ARG B 41 -11.37 9.88 1.16
CA ARG B 41 -12.67 10.46 1.52
C ARG B 41 -13.71 9.34 1.62
N CYS B 42 -14.36 9.24 2.78
CA CYS B 42 -15.32 8.15 2.96
C CYS B 42 -16.20 8.52 4.14
N THR B 43 -17.51 8.31 4.00
CA THR B 43 -18.36 8.57 5.17
C THR B 43 -18.25 7.42 6.18
N LEU B 44 -18.76 7.67 7.40
CA LEU B 44 -18.71 6.61 8.41
C LEU B 44 -19.59 5.43 8.05
N GLU B 45 -20.57 5.63 7.19
CA GLU B 45 -21.43 4.54 6.74
C GLU B 45 -20.83 3.81 5.52
N GLY B 46 -19.60 4.13 5.13
CA GLY B 46 -18.93 3.34 4.14
C GLY B 46 -19.13 3.80 2.71
N GLU B 47 -19.52 5.07 2.51
CA GLU B 47 -19.71 5.58 1.16
C GLU B 47 -18.46 6.34 0.76
N LEU B 48 -17.78 5.83 -0.25
CA LEU B 48 -16.59 6.45 -0.77
C LEU B 48 -16.95 7.71 -1.53
N LEU B 49 -16.13 8.74 -1.33
CA LEU B 49 -16.32 10.03 -1.98
C LEU B 49 -15.17 10.32 -2.92
N GLY B 50 -15.41 11.15 -3.94
CA GLY B 50 -14.28 11.60 -4.76
C GLY B 50 -13.72 10.46 -5.59
N THR B 51 -12.40 10.47 -5.74
CA THR B 51 -11.71 9.40 -6.48
C THR B 51 -11.18 8.30 -5.57
N THR B 52 -11.53 8.31 -4.26
CA THR B 52 -11.03 7.34 -3.30
C THR B 52 -11.24 5.93 -3.83
N PRO B 53 -10.20 5.12 -3.92
CA PRO B 53 -10.37 3.75 -4.46
C PRO B 53 -10.93 2.79 -3.42
N ARG B 54 -11.82 1.90 -3.88
CA ARG B 54 -12.31 0.83 -3.01
C ARG B 54 -11.21 -0.14 -2.60
N ASN B 55 -10.28 -0.42 -3.49
CA ASN B 55 -9.14 -1.27 -3.17
C ASN B 55 -8.01 -0.36 -2.73
N ALA B 56 -7.56 -0.51 -1.48
CA ALA B 56 -6.49 0.32 -0.97
C ALA B 56 -5.30 0.42 -1.93
N SER B 57 -4.96 -0.68 -2.56
CA SER B 57 -3.75 -0.72 -3.38
CA SER B 57 -3.74 -0.72 -3.36
C SER B 57 -3.92 -0.14 -4.77
N TRP B 58 -5.10 0.42 -5.08
CA TRP B 58 -5.15 1.15 -6.35
CA TRP B 58 -5.30 1.18 -6.31
C TRP B 58 -4.79 2.61 -6.21
N LEU B 59 -4.56 3.10 -4.98
CA LEU B 59 -4.07 4.48 -4.84
C LEU B 59 -2.70 4.63 -5.54
N ASN B 60 -2.59 5.66 -6.38
CA ASN B 60 -1.40 5.97 -7.16
C ASN B 60 -1.09 4.94 -8.20
N ARG B 61 -2.02 4.02 -8.50
CA ARG B 61 -1.88 3.12 -9.63
CA ARG B 61 -1.90 3.10 -9.61
C ARG B 61 -2.71 3.60 -10.80
N PHE B 62 -2.32 3.16 -12.00
CA PHE B 62 -3.08 3.54 -13.19
C PHE B 62 -3.01 2.39 -14.19
N ARG B 63 -4.01 2.36 -15.05
CA ARG B 63 -4.04 1.36 -16.13
C ARG B 63 -4.58 2.03 -17.36
N GLY B 64 -4.06 1.64 -18.51
CA GLY B 64 -4.58 2.21 -19.74
C GLY B 64 -4.06 1.41 -20.91
N VAL B 65 -4.32 1.91 -22.10
CA VAL B 65 -3.85 1.26 -23.33
CA VAL B 65 -3.86 1.26 -23.34
C VAL B 65 -3.09 2.28 -24.17
N SER B 66 -1.96 1.84 -24.75
CA SER B 66 -1.21 2.79 -25.54
C SER B 66 -1.99 3.20 -26.79
N THR B 67 -2.01 4.49 -27.07
CA THR B 67 -2.71 4.98 -28.26
CA THR B 67 -2.69 5.08 -28.23
C THR B 67 -1.83 4.97 -29.50
N ALA B 68 -0.52 4.91 -29.34
CA ALA B 68 0.42 4.86 -30.46
C ALA B 68 1.69 4.19 -29.94
N ALA B 69 2.52 3.73 -30.86
CA ALA B 69 3.81 3.19 -30.43
C ALA B 69 4.65 4.30 -29.84
N VAL B 70 5.47 3.91 -28.86
CA VAL B 70 6.46 4.81 -28.27
C VAL B 70 7.34 5.41 -29.35
N ALA B 71 7.54 6.72 -29.27
CA ALA B 71 8.41 7.48 -30.15
C ALA B 71 8.88 8.73 -29.41
N ASN B 72 10.18 9.05 -29.53
CA ASN B 72 10.78 10.23 -28.91
C ASN B 72 10.48 10.32 -27.41
N GLN B 73 10.50 9.15 -26.76
CA GLN B 73 10.32 9.05 -25.31
C GLN B 73 8.95 9.51 -24.87
N VAL B 74 7.97 9.43 -25.76
CA VAL B 74 6.58 9.75 -25.43
C VAL B 74 5.75 8.47 -25.48
N LEU B 75 4.95 8.25 -24.45
CA LEU B 75 3.95 7.19 -24.40
C LEU B 75 2.62 7.83 -24.04
N HIS B 76 1.63 7.73 -24.92
CA HIS B 76 0.31 8.24 -24.58
C HIS B 76 -0.60 7.08 -24.23
N LEU B 77 -1.34 7.21 -23.11
CA LEU B 77 -2.28 6.15 -22.70
C LEU B 77 -3.70 6.68 -22.72
N THR B 78 -4.60 5.89 -23.29
CA THR B 78 -6.03 6.07 -23.05
C THR B 78 -6.35 5.38 -21.72
N LEU B 79 -6.99 6.08 -20.77
CA LEU B 79 -7.07 5.55 -19.42
C LEU B 79 -8.24 4.61 -19.23
N TYR B 80 -8.02 3.61 -18.37
CA TYR B 80 -9.05 2.72 -17.85
C TYR B 80 -9.28 2.96 -16.37
N GLU B 81 -10.39 2.45 -15.85
CA GLU B 81 -10.57 2.40 -14.38
C GLU B 81 -9.88 1.18 -13.84
N PRO B 82 -9.66 1.13 -12.52
CA PRO B 82 -9.16 -0.10 -11.87
C PRO B 82 -9.85 -1.40 -12.30
N ASP B 83 -11.15 -1.39 -12.47
CA ASP B 83 -11.80 -2.63 -12.89
C ASP B 83 -11.53 -2.99 -14.37
N GLY B 84 -10.69 -2.27 -15.09
CA GLY B 84 -10.43 -2.57 -16.48
C GLY B 84 -11.47 -2.02 -17.45
N SER B 85 -12.53 -1.39 -16.96
CA SER B 85 -13.46 -0.69 -17.85
C SER B 85 -12.87 0.64 -18.28
N VAL B 86 -13.40 1.18 -19.38
CA VAL B 86 -12.83 2.39 -19.98
C VAL B 86 -13.26 3.57 -19.13
N PHE B 87 -12.33 4.44 -18.82
CA PHE B 87 -12.68 5.64 -18.09
C PHE B 87 -13.50 6.53 -19.00
N ASN B 88 -14.66 6.97 -18.53
CA ASN B 88 -15.54 7.76 -19.37
C ASN B 88 -15.41 9.24 -19.03
N PRO B 89 -14.85 10.05 -19.92
CA PRO B 89 -14.64 11.46 -19.58
C PRO B 89 -15.94 12.21 -19.49
N LEU B 90 -17.01 11.71 -20.07
CA LEU B 90 -18.28 12.43 -19.97
C LEU B 90 -18.98 12.24 -18.64
N SER B 91 -18.50 11.32 -17.82
CA SER B 91 -19.20 10.94 -16.60
C SER B 91 -19.14 12.00 -15.51
N GLY B 92 -18.28 13.01 -15.65
CA GLY B 92 -18.07 13.97 -14.58
C GLY B 92 -16.97 13.63 -13.60
N ALA B 93 -16.38 12.48 -13.66
CA ALA B 93 -15.29 12.19 -12.74
C ALA B 93 -14.01 12.93 -13.16
N PRO B 94 -13.20 13.36 -12.20
CA PRO B 94 -12.02 14.15 -12.57
C PRO B 94 -10.88 13.29 -13.06
N ALA B 95 -10.89 12.01 -12.73
CA ALA B 95 -9.78 11.11 -13.03
C ALA B 95 -10.24 9.72 -12.66
N PRO B 96 -9.56 8.68 -13.15
CA PRO B 96 -9.83 7.34 -12.64
C PRO B 96 -9.58 7.26 -11.14
N GLU B 97 -10.22 6.28 -10.51
CA GLU B 97 -10.04 6.14 -9.06
C GLU B 97 -8.56 5.97 -8.70
N GLY B 98 -8.14 6.63 -7.61
CA GLY B 98 -6.78 6.48 -7.16
C GLY B 98 -5.78 7.45 -7.77
N PHE B 99 -6.18 8.26 -8.76
CA PHE B 99 -5.21 9.20 -9.32
C PHE B 99 -4.84 10.31 -8.33
N PRO B 100 -3.62 10.83 -8.40
CA PRO B 100 -3.24 11.97 -7.53
C PRO B 100 -4.23 13.13 -7.59
N ASP B 101 -4.45 13.74 -6.43
CA ASP B 101 -5.44 14.78 -6.25
C ASP B 101 -4.80 16.09 -5.77
N PHE B 102 -3.62 16.37 -6.32
CA PHE B 102 -2.92 17.59 -5.94
C PHE B 102 -2.04 18.04 -7.09
N THR B 103 -1.57 19.30 -6.95
CA THR B 103 -0.75 19.97 -7.95
C THR B 103 0.72 19.68 -7.72
N ALA B 104 1.44 19.34 -8.80
CA ALA B 104 2.86 19.08 -8.73
C ALA B 104 3.45 19.49 -10.08
N GLN B 105 4.77 19.66 -10.12
CA GLN B 105 5.41 19.98 -11.40
C GLN B 105 5.50 18.76 -12.32
N GLU B 106 5.74 17.59 -11.74
CA GLU B 106 5.85 16.33 -12.45
C GLU B 106 5.35 15.23 -11.54
N TYR B 107 4.83 14.17 -12.15
CA TYR B 107 4.46 12.95 -11.41
C TYR B 107 5.31 11.81 -11.95
N HIS B 108 6.26 11.29 -11.15
CA HIS B 108 7.20 10.31 -11.67
C HIS B 108 6.58 8.93 -11.55
N LEU B 109 6.83 8.08 -12.54
CA LEU B 109 6.15 6.79 -12.54
C LEU B 109 7.04 5.67 -13.10
N ARG B 110 6.54 4.46 -12.87
CA ARG B 110 7.05 3.28 -13.54
CA ARG B 110 7.03 3.24 -13.48
C ARG B 110 5.84 2.53 -14.07
N ALA B 111 6.02 1.83 -15.19
CA ALA B 111 4.89 1.07 -15.76
C ALA B 111 5.41 -0.12 -16.54
N ALA B 112 4.47 -1.03 -16.88
CA ALA B 112 4.87 -2.23 -17.63
C ALA B 112 3.64 -2.83 -18.23
N GLY B 113 3.85 -3.54 -19.35
CA GLY B 113 2.84 -4.32 -20.06
C GLY B 113 3.08 -5.81 -19.96
N LYS B 114 2.17 -6.59 -20.57
CA LYS B 114 2.29 -8.05 -20.49
C LYS B 114 3.34 -8.62 -21.41
N VAL B 115 3.96 -7.80 -22.24
CA VAL B 115 4.89 -8.24 -23.26
C VAL B 115 6.24 -7.59 -23.03
N ALA B 116 7.24 -8.15 -23.68
CA ALA B 116 8.60 -7.72 -23.45
C ALA B 116 8.82 -6.32 -23.98
N ASN B 117 9.83 -5.67 -23.41
CA ASN B 117 10.33 -4.35 -23.79
C ASN B 117 9.33 -3.27 -23.43
N THR B 118 8.52 -3.51 -22.38
CA THR B 118 7.54 -2.50 -21.97
C THR B 118 7.74 -2.00 -20.55
N THR B 119 8.72 -2.52 -19.82
CA THR B 119 8.98 -1.99 -18.47
C THR B 119 9.78 -0.72 -18.59
N GLY B 120 9.23 0.36 -18.03
CA GLY B 120 9.94 1.62 -18.15
C GLY B 120 9.63 2.58 -17.03
N GLY B 121 10.40 3.68 -17.03
CA GLY B 121 10.06 4.79 -16.15
C GLY B 121 9.77 5.99 -16.99
N GLY B 122 9.08 6.96 -16.42
CA GLY B 122 8.75 8.17 -17.15
C GLY B 122 8.12 9.14 -16.19
N GLU B 123 7.44 10.15 -16.73
CA GLU B 123 6.77 11.09 -15.82
C GLU B 123 5.62 11.75 -16.57
N ILE B 124 4.66 12.29 -15.82
CA ILE B 124 3.61 13.15 -16.41
C ILE B 124 3.94 14.55 -15.97
N LYS B 125 4.26 15.43 -16.91
CA LYS B 125 4.44 16.84 -16.58
C LYS B 125 3.11 17.45 -16.19
N SER B 126 3.17 18.52 -15.36
CA SER B 126 1.94 19.14 -14.89
C SER B 126 1.01 19.51 -16.05
N THR B 127 1.55 20.14 -17.12
CA THR B 127 0.70 20.54 -18.22
C THR B 127 0.02 19.35 -18.91
N ASP B 128 0.60 18.17 -18.79
CA ASP B 128 0.02 16.94 -19.33
C ASP B 128 -0.85 16.19 -18.33
N TYR B 129 -0.98 16.67 -17.09
CA TYR B 129 -1.77 15.94 -16.11
C TYR B 129 -3.21 16.43 -16.22
N THR B 130 -3.91 15.91 -17.24
CA THR B 130 -5.30 16.30 -17.52
C THR B 130 -6.13 15.03 -17.67
N PRO B 131 -6.15 14.16 -16.65
CA PRO B 131 -6.80 12.86 -16.79
C PRO B 131 -8.29 12.93 -17.04
N ALA B 132 -8.95 14.05 -16.70
CA ALA B 132 -10.38 14.13 -16.93
C ALA B 132 -10.68 14.02 -18.41
N LEU B 133 -9.69 14.30 -19.26
CA LEU B 133 -9.93 14.22 -20.69
C LEU B 133 -9.82 12.80 -21.21
N GLY B 134 -9.37 11.84 -20.38
CA GLY B 134 -9.48 10.43 -20.68
C GLY B 134 -8.16 9.80 -21.07
N GLY B 135 -7.07 10.56 -21.09
CA GLY B 135 -5.76 10.00 -21.40
C GLY B 135 -4.69 10.80 -20.68
N VAL B 136 -3.46 10.28 -20.74
CA VAL B 136 -2.32 11.02 -20.21
C VAL B 136 -1.15 10.81 -21.14
N LYS B 137 -0.41 11.88 -21.39
CA LYS B 137 0.84 11.82 -22.15
C LYS B 137 1.99 11.67 -21.16
N ILE B 138 2.67 10.53 -21.21
CA ILE B 138 3.84 10.25 -20.40
C ILE B 138 5.07 10.66 -21.20
N THR B 139 5.94 11.46 -20.59
CA THR B 139 7.17 11.87 -21.29
C THR B 139 8.37 11.34 -20.51
N ALA B 140 9.57 11.53 -21.12
CA ALA B 140 10.82 10.91 -20.62
C ALA B 140 10.65 9.41 -20.43
N TRP B 141 9.79 8.80 -21.23
CA TRP B 141 9.58 7.36 -21.15
C TRP B 141 10.77 6.62 -21.74
N ASP B 142 11.31 5.64 -21.01
CA ASP B 142 12.65 5.13 -21.33
C ASP B 142 12.67 3.69 -21.85
N ALA B 143 11.51 3.07 -22.10
CA ALA B 143 11.45 1.76 -22.75
C ALA B 143 11.24 1.90 -24.26
N THR B 144 11.65 0.85 -25.00
CA THR B 144 11.48 0.91 -26.43
C THR B 144 10.03 0.61 -26.84
N GLY B 145 9.32 -0.19 -26.06
CA GLY B 145 7.90 -0.43 -26.28
C GLY B 145 7.09 0.35 -25.24
N PRO B 146 5.78 0.19 -25.26
CA PRO B 146 5.01 -0.66 -26.17
C PRO B 146 4.73 -0.08 -27.52
N SER B 147 4.33 -1.00 -28.39
CA SER B 147 3.60 -0.67 -29.60
CA SER B 147 3.63 -0.57 -29.59
C SER B 147 2.23 -0.08 -29.23
N ALA B 148 1.44 0.29 -30.25
CA ALA B 148 0.08 0.74 -30.02
C ALA B 148 -0.78 -0.43 -29.56
N GLY B 149 -1.82 -0.13 -28.78
CA GLY B 149 -2.87 -1.10 -28.47
C GLY B 149 -2.56 -2.01 -27.30
N VAL B 150 -1.55 -1.70 -26.53
CA VAL B 150 -1.04 -2.60 -25.49
C VAL B 150 -1.48 -2.07 -24.13
N GLU B 151 -1.99 -2.97 -23.29
CA GLU B 151 -2.42 -2.57 -21.95
C GLU B 151 -1.21 -2.34 -21.03
N MET B 152 -1.17 -1.18 -20.40
CA MET B 152 -0.06 -0.79 -19.54
C MET B 152 -0.61 -0.55 -18.14
N THR B 153 0.11 -0.99 -17.13
CA THR B 153 -0.25 -0.70 -15.75
CA THR B 153 -0.25 -0.65 -15.75
C THR B 153 0.96 -0.11 -15.05
N GLY B 154 0.74 0.85 -14.18
CA GLY B 154 1.89 1.40 -13.50
C GLY B 154 1.54 2.08 -12.20
N GLN B 155 2.56 2.72 -11.65
CA GLN B 155 2.44 3.32 -10.33
CA GLN B 155 2.53 3.27 -10.30
C GLN B 155 3.18 4.66 -10.31
N ILE B 156 2.53 5.65 -9.72
CA ILE B 156 3.17 6.94 -9.48
C ILE B 156 3.98 6.83 -8.19
N GLU B 157 5.30 7.10 -8.27
CA GLU B 157 6.27 6.74 -7.22
CA GLU B 157 6.24 6.75 -7.19
C GLU B 157 6.77 7.94 -6.44
N SER B 158 6.73 9.12 -7.05
CA SER B 158 7.33 10.32 -6.45
C SER B 158 6.85 11.47 -7.31
N ILE B 159 7.11 12.69 -6.85
CA ILE B 159 6.67 13.88 -7.57
C ILE B 159 7.78 14.91 -7.56
N GLY B 160 7.76 15.77 -8.56
CA GLY B 160 8.52 17.02 -8.49
C GLY B 160 7.64 18.01 -7.79
N MET B 161 8.11 18.59 -6.67
CA MET B 161 7.21 19.31 -5.76
C MET B 161 7.96 20.47 -5.13
N GLU B 162 7.91 21.65 -5.77
CA GLU B 162 8.70 22.77 -5.26
C GLU B 162 8.06 23.44 -4.05
N ASN B 163 6.76 23.24 -3.86
CA ASN B 163 6.03 23.97 -2.82
C ASN B 163 5.10 23.00 -2.07
N ASN B 164 5.36 22.82 -0.77
CA ASN B 164 4.55 21.85 0.00
C ASN B 164 3.07 22.23 0.05
N THR B 165 2.74 23.53 -0.02
CA THR B 165 1.32 23.93 0.04
C THR B 165 0.52 23.40 -1.15
N ASP B 166 1.19 22.97 -2.23
CA ASP B 166 0.47 22.49 -3.40
C ASP B 166 -0.19 21.13 -3.14
N PHE B 167 0.19 20.42 -2.07
CA PHE B 167 -0.56 19.19 -1.75
C PHE B 167 -2.02 19.49 -1.48
N ASP B 168 -2.37 20.74 -1.14
CA ASP B 168 -3.75 21.12 -0.82
C ASP B 168 -4.38 21.93 -1.93
N VAL B 169 -3.81 21.90 -3.13
CA VAL B 169 -4.36 22.59 -4.30
C VAL B 169 -4.74 21.54 -5.34
N LEU B 170 -6.02 21.44 -5.68
CA LEU B 170 -6.44 20.45 -6.66
C LEU B 170 -5.78 20.75 -8.01
N PRO B 171 -5.38 19.71 -8.74
CA PRO B 171 -4.82 19.93 -10.08
C PRO B 171 -5.92 20.33 -11.06
N ASP B 172 -5.48 20.88 -12.20
CA ASP B 172 -6.40 21.26 -13.29
C ASP B 172 -6.71 19.99 -14.09
N TYR B 173 -7.56 19.14 -13.50
CA TYR B 173 -7.85 17.81 -14.04
C TYR B 173 -8.30 17.82 -15.49
N ASN B 174 -9.05 18.84 -15.91
CA ASN B 174 -9.55 18.90 -17.29
C ASN B 174 -8.80 19.94 -18.13
N GLY B 175 -7.65 20.41 -17.66
CA GLY B 175 -6.82 21.29 -18.46
C GLY B 175 -7.20 22.74 -18.37
N SER B 176 -8.07 23.09 -17.43
CA SER B 176 -8.53 24.46 -17.28
C SER B 176 -8.71 24.76 -15.81
N ALA B 177 -8.94 26.04 -15.54
CA ALA B 177 -9.19 26.53 -14.19
C ALA B 177 -10.63 26.35 -13.80
N PHE B 178 -11.44 25.75 -14.67
CA PHE B 178 -12.88 25.66 -14.45
C PHE B 178 -13.27 24.21 -14.18
N ASP B 179 -13.70 23.96 -12.97
CA ASP B 179 -14.02 22.60 -12.55
C ASP B 179 -15.51 22.42 -12.29
N GLY B 180 -16.34 23.31 -12.83
CA GLY B 180 -17.78 23.24 -12.59
C GLY B 180 -18.47 22.00 -13.12
N SER B 181 -17.98 21.39 -14.20
CA SER B 181 -18.57 20.18 -14.72
C SER B 181 -18.08 18.91 -14.00
N LEU B 182 -17.24 19.04 -12.98
CA LEU B 182 -16.63 17.87 -12.38
C LEU B 182 -17.31 17.54 -11.05
N ASN B 183 -17.49 16.26 -10.77
CA ASN B 183 -18.18 15.79 -9.56
C ASN B 183 -17.09 15.61 -8.53
N LEU B 184 -16.88 16.63 -7.69
CA LEU B 184 -15.79 16.69 -6.72
C LEU B 184 -16.34 16.58 -5.30
N ALA B 185 -15.68 15.78 -4.46
CA ALA B 185 -15.99 15.80 -3.03
C ALA B 185 -15.77 17.21 -2.49
N PRO B 186 -16.60 17.65 -1.53
CA PRO B 186 -16.58 19.06 -1.09
C PRO B 186 -15.40 19.39 -0.21
N PRO B 187 -15.10 20.68 -0.02
CA PRO B 187 -14.02 21.06 0.87
C PRO B 187 -14.30 20.60 2.29
N ILE B 188 -13.22 20.34 3.02
CA ILE B 188 -13.24 19.87 4.38
C ILE B 188 -13.13 21.06 5.31
N VAL B 189 -14.21 21.38 6.01
CA VAL B 189 -14.27 22.54 6.91
C VAL B 189 -14.91 22.13 8.24
N PRO B 190 -14.29 22.43 9.37
CA PRO B 190 -14.93 22.07 10.65
C PRO B 190 -16.28 22.77 10.81
N LEU B 191 -17.17 22.14 11.58
CA LEU B 191 -18.51 22.72 11.69
C LEU B 191 -18.64 23.73 12.84
N LEU B 192 -17.74 23.72 13.83
CA LEU B 192 -17.75 24.71 14.92
C LEU B 192 -16.54 25.65 14.82
N PRO B 193 -16.67 26.94 15.18
CA PRO B 193 -15.62 27.91 14.77
C PRO B 193 -14.21 27.68 15.35
N GLY B 194 -14.07 27.24 16.60
CA GLY B 194 -12.76 27.03 17.17
C GLY B 194 -12.10 25.70 16.84
N GLU B 195 -12.72 24.91 15.99
CA GLU B 195 -12.18 23.60 15.63
C GLU B 195 -11.13 23.69 14.53
N THR B 196 -10.20 22.72 14.53
CA THR B 196 -9.17 22.64 13.51
C THR B 196 -9.11 21.21 12.98
N LEU B 197 -8.98 21.06 11.67
CA LEU B 197 -8.83 19.73 11.08
C LEU B 197 -7.61 19.01 11.66
N LEU B 198 -7.80 17.75 12.07
CA LEU B 198 -6.69 16.90 12.51
C LEU B 198 -6.15 16.17 11.29
N ARG B 199 -4.86 16.37 10.97
CA ARG B 199 -4.27 15.87 9.73
C ARG B 199 -3.42 14.63 10.02
N PHE B 200 -3.60 13.58 9.23
CA PHE B 200 -2.78 12.38 9.32
C PHE B 200 -1.72 12.51 8.22
N GLY B 201 -0.45 12.66 8.60
CA GLY B 201 0.60 13.03 7.66
C GLY B 201 1.57 11.90 7.31
N THR B 202 2.05 11.90 6.07
CA THR B 202 3.12 11.01 5.68
C THR B 202 4.11 11.78 4.82
N VAL B 203 5.27 11.18 4.56
CA VAL B 203 6.32 11.86 3.79
C VAL B 203 6.43 11.17 2.43
N PRO B 204 6.01 11.82 1.34
CA PRO B 204 6.27 11.28 0.01
C PRO B 204 7.67 11.63 -0.44
N ILE B 205 8.21 10.82 -1.35
CA ILE B 205 9.49 11.18 -1.97
C ILE B 205 9.25 12.27 -3.03
N THR B 206 9.96 13.41 -2.92
CA THR B 206 9.83 14.42 -3.96
C THR B 206 11.19 14.96 -4.35
N THR B 207 11.24 15.48 -5.57
CA THR B 207 12.33 16.35 -5.97
C THR B 207 11.88 17.80 -5.87
N ARG B 208 12.79 18.70 -6.30
CA ARG B 208 12.58 20.17 -6.29
C ARG B 208 12.48 20.71 -4.85
N ARG B 209 13.28 20.14 -3.95
CA ARG B 209 13.16 20.51 -2.55
C ARG B 209 14.18 21.58 -2.14
N GLN B 210 14.68 22.38 -3.10
CA GLN B 210 15.77 23.30 -2.80
C GLN B 210 15.30 24.45 -1.92
N SER B 211 14.05 24.92 -2.10
CA SER B 211 13.57 26.00 -1.24
CA SER B 211 13.54 26.00 -1.25
C SER B 211 13.27 25.48 0.16
N ASP B 212 12.32 24.57 0.27
CA ASP B 212 11.80 24.08 1.55
C ASP B 212 11.92 22.57 1.47
N PRO B 213 12.78 21.92 2.26
CA PRO B 213 13.04 20.48 2.02
C PRO B 213 12.05 19.53 2.68
N ILE B 214 11.28 20.00 3.65
CA ILE B 214 10.33 19.12 4.33
C ILE B 214 9.10 18.93 3.45
N ARG B 215 8.75 17.68 3.17
CA ARG B 215 7.53 17.39 2.42
C ARG B 215 6.60 16.54 3.27
N ILE B 216 5.35 16.99 3.41
CA ILE B 216 4.33 16.31 4.20
C ILE B 216 3.02 16.42 3.45
N ILE B 217 2.40 15.27 3.12
CA ILE B 217 1.07 15.20 2.51
C ILE B 217 0.13 14.64 3.58
N SER B 218 -1.03 15.28 3.75
CA SER B 218 -1.97 14.97 4.83
C SER B 218 -3.22 14.30 4.27
N CYS B 219 -3.91 13.56 5.11
CA CYS B 219 -5.18 12.96 4.68
C CYS B 219 -6.17 13.00 5.83
N ALA B 220 -7.44 12.81 5.49
CA ALA B 220 -8.50 13.00 6.49
C ALA B 220 -8.71 11.75 7.32
N LEU B 221 -8.45 10.60 6.72
CA LEU B 221 -8.69 9.30 7.38
C LEU B 221 -7.55 8.36 7.07
N PRO B 222 -7.03 7.62 8.03
CA PRO B 222 -6.12 6.52 7.68
C PRO B 222 -6.79 5.54 6.71
N GLN B 223 -6.01 4.95 5.79
CA GLN B 223 -6.61 3.97 4.90
C GLN B 223 -7.28 2.85 5.69
N GLU B 224 -6.68 2.41 6.81
CA GLU B 224 -7.33 1.30 7.53
C GLU B 224 -8.69 1.67 8.11
N TRP B 225 -8.94 2.97 8.38
CA TRP B 225 -10.28 3.37 8.80
C TRP B 225 -11.24 3.30 7.63
N ILE B 226 -10.81 3.73 6.44
CA ILE B 226 -11.68 3.65 5.26
C ILE B 226 -12.09 2.19 5.01
N THR B 227 -11.13 1.28 5.03
CA THR B 227 -11.47 -0.14 4.84
C THR B 227 -12.38 -0.63 5.95
N TRP B 228 -12.14 -0.18 7.20
CA TRP B 228 -13.04 -0.54 8.28
C TRP B 228 -14.47 -0.13 7.97
N PHE B 229 -14.66 1.08 7.44
CA PHE B 229 -16.02 1.51 7.16
C PHE B 229 -16.66 0.70 6.02
N LEU B 230 -15.83 0.22 5.08
CA LEU B 230 -16.34 -0.60 3.99
C LEU B 230 -16.73 -2.00 4.47
N THR B 231 -16.08 -2.50 5.51
CA THR B 231 -16.26 -3.90 5.93
C THR B 231 -17.22 -4.03 7.11
N HIS B 232 -17.77 -2.92 7.60
CA HIS B 232 -18.77 -2.94 8.64
C HIS B 232 -20.00 -2.20 8.13
N ASN B 233 -21.17 -2.54 8.64
CA ASN B 233 -22.38 -1.87 8.13
C ASN B 233 -22.86 -0.85 9.16
N PHE B 234 -22.06 0.21 9.35
CA PHE B 234 -22.36 1.13 10.42
C PHE B 234 -23.49 2.04 10.01
N THR B 235 -24.30 2.41 10.98
CA THR B 235 -25.26 3.50 10.83
C THR B 235 -24.75 4.65 11.65
N ALA B 236 -24.77 5.85 11.07
CA ALA B 236 -24.37 7.04 11.83
C ALA B 236 -25.56 7.47 12.67
N LEU B 237 -25.44 7.31 13.98
CA LEU B 237 -26.55 7.65 14.87
C LEU B 237 -26.50 9.09 15.39
N GLY B 238 -25.50 9.88 15.00
CA GLY B 238 -25.42 11.28 15.35
C GLY B 238 -24.56 11.96 14.31
N ASP B 239 -24.43 13.29 14.44
CA ASP B 239 -23.64 14.05 13.48
C ASP B 239 -22.16 13.69 13.48
N ALA B 240 -21.62 13.32 14.65
CA ALA B 240 -20.18 13.09 14.78
C ALA B 240 -19.95 12.00 15.82
N ALA B 241 -18.90 11.20 15.60
CA ALA B 241 -18.46 10.28 16.64
C ALA B 241 -17.44 10.98 17.54
N LEU B 242 -17.74 11.07 18.84
CA LEU B 242 -16.77 11.58 19.79
C LEU B 242 -15.73 10.49 20.05
N LEU B 243 -14.45 10.80 19.83
CA LEU B 243 -13.38 9.82 20.03
C LEU B 243 -12.43 10.29 21.11
N ARG B 244 -11.72 9.35 21.73
CA ARG B 244 -10.64 9.70 22.64
C ARG B 244 -9.35 9.12 22.07
N TYR B 245 -8.29 9.91 22.05
CA TYR B 245 -6.99 9.45 21.56
C TYR B 245 -6.16 9.13 22.80
N ARG B 246 -5.83 7.86 22.96
CA ARG B 246 -5.24 7.36 24.19
C ARG B 246 -3.94 6.62 23.89
N ASN B 247 -2.90 6.93 24.66
CA ASN B 247 -1.71 6.09 24.67
C ASN B 247 -2.05 4.80 25.41
N GLN B 248 -2.18 3.69 24.69
CA GLN B 248 -2.61 2.47 25.36
C GLN B 248 -1.51 1.88 26.23
N ALA B 249 -0.24 2.17 25.91
CA ALA B 249 0.86 1.69 26.74
C ALA B 249 0.90 2.40 28.09
N THR B 250 0.92 3.74 28.08
CA THR B 250 0.99 4.50 29.31
C THR B 250 -0.38 4.66 29.96
N GLY B 251 -1.41 4.90 29.15
CA GLY B 251 -2.74 5.19 29.65
C GLY B 251 -3.12 6.64 29.54
N GLN B 252 -2.19 7.52 29.20
CA GLN B 252 -2.53 8.93 29.18
C GLN B 252 -3.55 9.20 28.06
N LEU B 253 -4.72 9.70 28.45
CA LEU B 253 -5.64 10.32 27.49
C LEU B 253 -5.01 11.59 26.95
N LEU B 254 -4.85 11.68 25.64
CA LEU B 254 -4.13 12.82 25.08
C LEU B 254 -5.09 13.94 24.69
N PHE B 255 -6.16 13.60 23.95
CA PHE B 255 -7.21 14.58 23.69
C PHE B 255 -8.48 13.83 23.33
N GLU B 256 -9.59 14.58 23.27
CA GLU B 256 -10.80 14.09 22.63
C GLU B 256 -10.96 14.85 21.32
N CYS B 257 -11.68 14.25 20.38
CA CYS B 257 -11.83 14.82 19.06
C CYS B 257 -13.17 14.38 18.52
N LYS B 258 -13.63 15.03 17.45
CA LYS B 258 -14.87 14.66 16.78
C LYS B 258 -14.56 14.14 15.38
N LEU B 259 -15.09 12.96 15.07
CA LEU B 259 -15.03 12.35 13.72
C LEU B 259 -16.39 12.61 13.07
N TYR B 260 -16.46 13.66 12.23
CA TYR B 260 -17.72 14.01 11.59
C TYR B 260 -18.16 12.90 10.65
N ARG B 261 -19.48 12.72 10.52
CA ARG B 261 -19.96 11.59 9.76
C ARG B 261 -19.57 11.65 8.28
N SER B 262 -19.22 12.83 7.76
CA SER B 262 -18.76 12.89 6.37
C SER B 262 -17.29 12.51 6.21
N GLY B 263 -16.57 12.18 7.29
CA GLY B 263 -15.29 11.52 7.19
C GLY B 263 -14.07 12.40 7.40
N PHE B 264 -14.00 13.14 8.53
CA PHE B 264 -12.78 13.81 8.92
C PHE B 264 -12.86 14.09 10.40
N VAL B 265 -11.71 14.38 11.01
CA VAL B 265 -11.55 14.54 12.46
C VAL B 265 -11.10 15.96 12.77
N VAL B 266 -11.63 16.51 13.86
CA VAL B 266 -11.24 17.83 14.33
C VAL B 266 -10.89 17.78 15.80
N VAL B 267 -10.08 18.74 16.21
CA VAL B 267 -9.76 18.97 17.61
C VAL B 267 -10.08 20.42 17.91
N ASN B 268 -10.23 20.73 19.19
CA ASN B 268 -10.60 22.07 19.61
C ASN B 268 -9.43 22.74 20.33
N GLY B 269 -9.37 24.07 20.25
CA GLY B 269 -8.44 24.80 21.09
C GLY B 269 -7.01 24.79 20.62
N VAL B 270 -6.77 24.62 19.33
CA VAL B 270 -5.42 24.66 18.79
C VAL B 270 -5.22 26.04 18.21
N ASN B 271 -4.20 26.75 18.70
CA ASN B 271 -3.93 28.12 18.28
C ASN B 271 -2.67 28.26 17.43
N VAL B 272 -1.81 27.24 17.43
CA VAL B 272 -0.60 27.19 16.63
C VAL B 272 -0.47 25.74 16.16
N ARG B 273 0.35 25.55 15.14
CA ARG B 273 0.60 24.20 14.63
C ARG B 273 1.06 23.31 15.77
N THR B 274 0.34 22.21 16.00
CA THR B 274 0.59 21.33 17.12
C THR B 274 0.71 19.89 16.63
N GLU B 275 1.83 19.24 16.96
CA GLU B 275 2.02 17.82 16.65
C GLU B 275 1.66 16.96 17.86
N PHE B 276 1.26 15.73 17.59
CA PHE B 276 0.82 14.83 18.64
C PHE B 276 1.57 13.51 18.57
N PRO B 277 1.61 12.77 19.68
CA PRO B 277 2.26 11.45 19.65
C PRO B 277 1.60 10.50 18.67
N MET B 278 2.43 9.66 18.07
CA MET B 278 1.99 8.69 17.07
C MET B 278 1.63 7.34 17.66
N SER B 279 1.88 7.12 18.95
CA SER B 279 1.71 5.78 19.51
C SER B 279 0.34 5.59 20.14
N GLY B 280 -0.60 6.51 19.91
CA GLY B 280 -1.91 6.40 20.52
C GLY B 280 -2.89 5.65 19.63
N VAL B 281 -4.03 5.28 20.23
CA VAL B 281 -5.16 4.67 19.52
C VAL B 281 -6.41 5.52 19.70
N PHE B 282 -7.16 5.70 18.60
CA PHE B 282 -8.46 6.37 18.68
C PHE B 282 -9.53 5.37 19.07
N GLU B 283 -10.33 5.71 20.08
CA GLU B 283 -11.42 4.88 20.60
C GLU B 283 -12.75 5.60 20.53
N PHE B 284 -13.77 4.94 20.00
CA PHE B 284 -15.11 5.49 20.03
C PHE B 284 -15.63 5.67 21.46
N VAL B 285 -16.29 6.80 21.71
CA VAL B 285 -16.96 7.09 22.98
C VAL B 285 -18.47 7.08 22.80
N SER B 286 -18.99 7.94 21.92
CA SER B 286 -20.43 8.18 21.82
C SER B 286 -20.70 9.03 20.59
N TRP B 287 -21.97 9.11 20.22
CA TRP B 287 -22.44 9.98 19.14
C TRP B 287 -22.83 11.35 19.69
N VAL B 288 -22.43 12.41 18.98
CA VAL B 288 -22.68 13.77 19.47
C VAL B 288 -23.12 14.66 18.32
N PRO B 289 -23.81 15.75 18.63
CA PRO B 289 -24.23 16.68 17.57
C PRO B 289 -23.09 17.52 17.04
N ASN B 290 -23.34 18.15 15.89
CA ASN B 290 -22.34 19.02 15.26
C ASN B 290 -21.84 20.10 16.23
N PHE B 291 -22.71 20.61 17.08
CA PHE B 291 -22.31 21.73 17.91
C PHE B 291 -21.76 21.28 19.25
N PHE B 292 -21.47 19.99 19.41
CA PHE B 292 -20.87 19.52 20.64
C PHE B 292 -19.49 20.14 20.80
N GLN B 293 -19.25 20.74 21.94
CA GLN B 293 -18.01 21.48 22.14
CA GLN B 293 -18.03 21.49 22.15
C GLN B 293 -16.99 20.60 22.83
N LEU B 294 -15.88 20.35 22.13
CA LEU B 294 -14.81 19.51 22.65
C LEU B 294 -14.00 20.20 23.73
N ALA B 295 -13.45 19.39 24.62
CA ALA B 295 -12.43 19.91 25.53
C ALA B 295 -11.21 20.31 24.71
N PRO B 296 -10.63 21.49 24.96
CA PRO B 296 -9.47 21.90 24.16
C PRO B 296 -8.30 20.98 24.41
N VAL B 297 -7.48 20.76 23.36
CA VAL B 297 -6.29 19.92 23.47
C VAL B 297 -5.38 20.38 24.61
C1 FUC C . 18.89 -2.41 -16.54
C2 FUC C . 17.80 -3.14 -15.74
C3 FUC C . 18.45 -4.04 -14.69
C4 FUC C . 19.54 -3.27 -13.87
C5 FUC C . 20.49 -2.47 -14.76
C6 FUC C . 21.34 -1.46 -13.97
O1 FUC C . 19.57 -3.47 -17.22
O2 FUC C . 17.00 -3.92 -16.62
O3 FUC C . 17.41 -4.55 -13.77
O4 FUC C . 18.91 -2.35 -13.04
O5 FUC C . 19.75 -1.68 -15.70
C1 FUC D . 14.83 16.08 -12.62
C2 FUC D . 13.74 16.00 -11.50
C3 FUC D . 12.46 16.67 -11.95
C4 FUC D . 12.03 16.19 -13.37
C5 FUC D . 13.17 16.37 -14.37
C6 FUC D . 12.85 15.87 -15.80
O1 FUC D . 15.22 17.43 -12.65
O2 FUC D . 14.16 16.61 -10.27
O3 FUC D . 11.40 16.33 -11.02
O4 FUC D . 11.71 14.82 -13.31
O5 FUC D . 14.33 15.62 -13.90
#